data_3G0J
#
_entry.id   3G0J
#
_cell.length_a   36.570
_cell.length_b   57.370
_cell.length_c   137.300
_cell.angle_alpha   90.000
_cell.angle_beta   90.000
_cell.angle_gamma   90.000
#
_symmetry.space_group_name_H-M   'P 2 21 21'
#
loop_
_entity.id
_entity.type
_entity.pdbx_description
1 polymer 'Protein polybromo-1'
2 non-polymer 1,2-ETHANEDIOL
3 non-polymer 'NITRATE ION'
4 water water
#
_entity_poly.entity_id   1
_entity_poly.type   'polypeptide(L)'
_entity_poly.pdbx_seq_one_letter_code
;SMSGISPKKSKYMTPMQQKLNEVYEAVKNYTDKRGRRLSAIFLRLPSRSELPDYYLTIKKPMDMEKIRSHMMANKYQDID
SMVEDFVMMFNNACTYNEPESLIYKDALVLHKVLLETRRDLEGD
;
_entity_poly.pdbx_strand_id   A,B
#
# COMPACT_ATOMS: atom_id res chain seq x y z
N ILE A 5 6.78 1.38 19.64
CA ILE A 5 5.70 1.25 20.66
C ILE A 5 4.84 2.53 20.71
N SER A 6 3.57 2.41 20.34
CA SER A 6 2.66 3.57 20.25
C SER A 6 2.08 3.90 21.61
N PRO A 7 1.64 5.18 21.80
CA PRO A 7 0.97 5.56 23.07
C PRO A 7 -0.31 4.75 23.31
N LYS A 8 -0.62 4.49 24.58
CA LYS A 8 -1.79 3.66 24.93
C LYS A 8 -3.11 4.35 24.52
N LYS A 9 -3.97 3.61 23.82
CA LYS A 9 -5.29 4.11 23.41
C LYS A 9 -6.16 4.45 24.63
N SER A 10 -7.01 5.47 24.49
CA SER A 10 -7.98 5.86 25.52
C SER A 10 -9.22 4.94 25.55
N LYS A 11 -9.88 4.86 26.71
CA LYS A 11 -11.04 3.95 26.95
C LYS A 11 -12.31 4.27 26.12
N TYR A 12 -12.87 5.45 26.29
CA TYR A 12 -13.93 5.96 25.43
C TYR A 12 -13.28 7.04 24.53
N MET A 13 -13.92 7.31 23.40
CA MET A 13 -13.42 8.34 22.51
C MET A 13 -14.12 9.62 22.79
N THR A 14 -13.35 10.66 23.03
CA THR A 14 -13.94 12.00 23.15
C THR A 14 -14.61 12.38 21.85
N PRO A 15 -15.51 13.36 21.92
CA PRO A 15 -16.11 13.87 20.68
C PRO A 15 -15.09 14.35 19.66
N MET A 16 -14.07 15.09 20.09
CA MET A 16 -12.98 15.48 19.19
C MET A 16 -12.34 14.25 18.55
N GLN A 17 -12.05 13.22 19.34
CA GLN A 17 -11.50 11.99 18.76
C GLN A 17 -12.42 11.39 17.70
N GLN A 18 -13.73 11.44 17.90
CA GLN A 18 -14.70 10.88 16.95
C GLN A 18 -14.69 11.65 15.64
N LYS A 19 -14.63 12.97 15.76
CA LYS A 19 -14.51 13.87 14.60
C LYS A 19 -13.21 13.65 13.82
N LEU A 20 -12.10 13.60 14.54
CA LEU A 20 -10.80 13.29 13.94
C LEU A 20 -10.83 11.93 13.23
N ASN A 21 -11.44 10.94 13.87
CA ASN A 21 -11.54 9.55 13.30
C ASN A 21 -12.37 9.51 12.03
N GLU A 22 -13.36 10.39 11.93
CA GLU A 22 -14.13 10.54 10.72
C GLU A 22 -13.23 11.00 9.55
N VAL A 23 -12.36 11.96 9.81
CA VAL A 23 -11.38 12.41 8.82
C VAL A 23 -10.38 11.29 8.47
N TYR A 24 -9.88 10.60 9.49
CA TYR A 24 -8.86 9.59 9.32
C TYR A 24 -9.44 8.47 8.44
N GLU A 25 -10.66 8.04 8.76
CA GLU A 25 -11.28 6.95 8.02
C GLU A 25 -11.61 7.33 6.56
N ALA A 26 -12.01 8.56 6.33
CA ALA A 26 -12.32 9.04 5.00
C ALA A 26 -11.07 8.87 4.11
N VAL A 27 -9.91 9.27 4.64
CA VAL A 27 -8.64 9.14 3.90
C VAL A 27 -8.26 7.64 3.77
N LYS A 28 -8.34 6.88 4.87
CA LYS A 28 -8.00 5.47 4.86
C LYS A 28 -8.82 4.64 3.89
N ASN A 29 -10.12 4.95 3.78
CA ASN A 29 -11.06 4.08 3.10
C ASN A 29 -11.29 4.45 1.64
N TYR A 30 -10.75 5.58 1.20
CA TYR A 30 -10.98 6.06 -0.16
C TYR A 30 -10.50 5.02 -1.16
N THR A 31 -11.32 4.75 -2.18
CA THR A 31 -10.90 3.83 -3.26
C THR A 31 -11.07 4.51 -4.65
N ASP A 32 -10.16 4.22 -5.57
CA ASP A 32 -10.28 4.68 -6.98
C ASP A 32 -11.24 3.79 -7.75
N LYS A 33 -11.43 4.09 -9.04
CA LYS A 33 -12.39 3.36 -9.91
C LYS A 33 -12.20 1.85 -9.83
N ARG A 34 -10.95 1.41 -9.79
CA ARG A 34 -10.62 -0.02 -9.77
C ARG A 34 -10.65 -0.64 -8.36
N GLY A 35 -11.17 0.12 -7.38
CA GLY A 35 -11.31 -0.33 -5.99
C GLY A 35 -10.00 -0.45 -5.20
N ARG A 36 -8.98 0.25 -5.67
CA ARG A 36 -7.68 0.20 -5.03
C ARG A 36 -7.72 1.19 -3.89
N ARG A 37 -7.27 0.74 -2.74
CA ARG A 37 -7.30 1.57 -1.56
C ARG A 37 -6.01 2.37 -1.57
N LEU A 38 -6.12 3.65 -1.90
CA LEU A 38 -4.91 4.48 -2.07
C LEU A 38 -4.04 4.61 -0.83
N SER A 39 -4.64 4.50 0.36
CA SER A 39 -3.92 4.65 1.61
C SER A 39 -2.94 3.56 1.92
N ALA A 40 -2.96 2.41 1.22
CA ALA A 40 -2.20 1.23 1.68
C ALA A 40 -0.72 1.53 1.86
N ILE A 41 -0.15 2.25 0.91
CA ILE A 41 1.28 2.51 0.94
C ILE A 41 1.63 3.56 2.02
N PHE A 42 0.65 4.34 2.46
CA PHE A 42 0.88 5.40 3.46
C PHE A 42 0.73 4.93 4.91
N LEU A 43 0.29 3.68 5.10
CA LEU A 43 0.00 3.17 6.43
C LEU A 43 1.23 3.11 7.30
N ARG A 44 2.33 2.59 6.75
CA ARG A 44 3.54 2.46 7.52
C ARG A 44 4.74 2.64 6.62
N LEU A 45 5.56 3.61 6.98
CA LEU A 45 6.83 3.82 6.33
C LEU A 45 7.78 2.68 6.62
N PRO A 46 8.62 2.31 5.67
CA PRO A 46 9.68 1.35 5.99
C PRO A 46 10.64 1.96 7.01
N SER A 47 11.40 1.12 7.68
CA SER A 47 12.33 1.59 8.71
C SER A 47 13.48 2.32 8.06
N ARG A 48 14.28 2.98 8.91
CA ARG A 48 15.53 3.59 8.48
C ARG A 48 16.51 2.61 7.87
N SER A 49 16.53 1.37 8.36
CA SER A 49 17.40 0.35 7.79
C SER A 49 16.94 -0.08 6.42
N GLU A 50 15.63 -0.03 6.19
CA GLU A 50 15.01 -0.49 4.93
C GLU A 50 15.08 0.54 3.81
N LEU A 51 14.91 1.81 4.16
CA LEU A 51 14.86 2.91 3.21
C LEU A 51 15.66 4.13 3.72
N PRO A 52 16.98 3.98 3.82
CA PRO A 52 17.75 5.01 4.50
C PRO A 52 17.77 6.34 3.76
N ASP A 53 17.75 6.30 2.44
CA ASP A 53 17.90 7.54 1.65
C ASP A 53 16.66 8.42 1.91
N TYR A 54 15.50 7.79 2.08
CA TYR A 54 14.24 8.50 2.31
C TYR A 54 14.31 9.45 3.50
N TYR A 55 14.83 8.96 4.62
CA TYR A 55 14.92 9.72 5.83
C TYR A 55 15.91 10.88 5.81
N LEU A 56 16.76 10.93 4.79
CA LEU A 56 17.65 12.08 4.63
C LEU A 56 17.14 13.04 3.53
N THR A 57 16.00 12.73 2.94
CA THR A 57 15.44 13.55 1.85
C THR A 57 14.30 14.42 2.36
N ILE A 58 13.66 13.97 3.44
CA ILE A 58 12.54 14.69 4.00
C ILE A 58 12.92 15.12 5.42
N LYS A 59 12.35 16.22 5.87
CA LYS A 59 12.69 16.78 7.20
C LYS A 59 12.05 16.02 8.38
N LYS A 60 10.83 15.56 8.18
CA LYS A 60 10.04 14.98 9.26
C LYS A 60 9.14 13.85 8.74
N PRO A 61 9.55 12.59 8.99
CA PRO A 61 8.80 11.45 8.50
C PRO A 61 7.43 11.36 9.16
N MET A 62 6.46 10.89 8.37
CA MET A 62 5.10 10.72 8.87
C MET A 62 4.44 9.54 8.14
N ASP A 63 3.62 8.78 8.87
CA ASP A 63 2.77 7.79 8.21
C ASP A 63 1.42 7.74 8.92
N MET A 64 0.47 7.04 8.34
CA MET A 64 -0.86 7.01 8.96
C MET A 64 -0.90 6.28 10.29
N GLU A 65 -0.04 5.29 10.54
CA GLU A 65 -0.01 4.65 11.86
C GLU A 65 0.42 5.57 12.98
N LYS A 66 1.40 6.43 12.69
CA LYS A 66 1.80 7.47 13.64
C LYS A 66 0.63 8.41 13.98
N ILE A 67 -0.11 8.83 12.96
CA ILE A 67 -1.24 9.76 13.10
C ILE A 67 -2.33 9.05 13.89
N ARG A 68 -2.62 7.81 13.50
CA ARG A 68 -3.68 7.03 14.17
C ARG A 68 -3.42 6.87 15.64
N SER A 69 -2.21 6.47 16.01
CA SER A 69 -1.90 6.25 17.40
C SER A 69 -1.96 7.55 18.20
N HIS A 70 -1.51 8.65 17.59
CA HIS A 70 -1.58 9.96 18.27
C HIS A 70 -3.07 10.28 18.49
N MET A 71 -3.87 10.02 17.47
CA MET A 71 -5.30 10.32 17.54
C MET A 71 -6.00 9.50 18.61
N MET A 72 -5.70 8.19 18.66
CA MET A 72 -6.27 7.28 19.66
C MET A 72 -5.74 7.50 21.08
N ALA A 73 -4.58 8.13 21.22
CA ALA A 73 -4.07 8.54 22.54
C ALA A 73 -4.66 9.89 23.01
N ASN A 74 -5.59 10.45 22.23
CA ASN A 74 -6.30 11.70 22.58
C ASN A 74 -5.34 12.90 22.61
N LYS A 75 -4.31 12.86 21.78
CA LYS A 75 -3.27 13.90 21.80
C LYS A 75 -3.52 15.12 20.87
N TYR A 76 -4.31 14.92 19.81
CA TYR A 76 -4.68 16.02 18.93
C TYR A 76 -5.71 16.93 19.60
N GLN A 77 -5.37 18.22 19.68
CA GLN A 77 -6.20 19.16 20.38
C GLN A 77 -7.25 19.77 19.46
N ASP A 78 -7.05 19.60 18.15
CA ASP A 78 -8.03 20.10 17.17
C ASP A 78 -7.90 19.37 15.84
N ILE A 79 -8.83 19.61 14.92
CA ILE A 79 -8.78 18.98 13.62
C ILE A 79 -7.56 19.46 12.79
N ASP A 80 -7.28 20.76 12.82
CA ASP A 80 -6.22 21.31 11.96
C ASP A 80 -4.86 20.64 12.20
N SER A 81 -4.58 20.29 13.46
CA SER A 81 -3.30 19.67 13.83
C SER A 81 -3.11 18.31 13.14
N MET A 82 -4.19 17.54 13.04
CA MET A 82 -4.12 16.27 12.34
C MET A 82 -4.07 16.48 10.84
N VAL A 83 -4.86 17.43 10.33
CA VAL A 83 -4.80 17.75 8.92
C VAL A 83 -3.36 18.14 8.54
N GLU A 84 -2.69 18.90 9.39
CA GLU A 84 -1.27 19.27 9.13
C GLU A 84 -0.34 18.06 8.99
N ASP A 85 -0.54 17.05 9.83
CA ASP A 85 0.26 15.86 9.74
C ASP A 85 -0.01 15.06 8.44
N PHE A 86 -1.26 14.95 8.05
CA PHE A 86 -1.60 14.33 6.75
C PHE A 86 -0.97 15.11 5.59
N VAL A 87 -1.05 16.43 5.62
CA VAL A 87 -0.44 17.24 4.59
C VAL A 87 1.05 16.99 4.53
N MET A 88 1.71 16.96 5.70
CA MET A 88 3.15 16.70 5.73
C MET A 88 3.47 15.31 5.13
N MET A 89 2.68 14.31 5.46
CA MET A 89 2.88 12.99 4.93
C MET A 89 2.76 12.98 3.41
N PHE A 90 1.75 13.67 2.85
CA PHE A 90 1.54 13.70 1.39
C PHE A 90 2.58 14.57 0.67
N ASN A 91 2.91 15.71 1.30
CA ASN A 91 3.99 16.53 0.84
C ASN A 91 5.30 15.78 0.80
N ASN A 92 5.57 14.96 1.82
CA ASN A 92 6.80 14.15 1.87
C ASN A 92 6.82 13.17 0.69
N ALA A 93 5.65 12.54 0.45
CA ALA A 93 5.57 11.57 -0.68
C ALA A 93 5.87 12.25 -2.02
N CYS A 94 5.34 13.45 -2.23
CA CYS A 94 5.59 14.23 -3.46
C CYS A 94 7.01 14.82 -3.54
N THR A 95 7.69 14.94 -2.39
CA THR A 95 9.07 15.34 -2.39
C THR A 95 9.94 14.21 -2.93
N TYR A 96 9.82 13.02 -2.34
CA TYR A 96 10.75 11.93 -2.54
C TYR A 96 10.51 11.23 -3.89
N ASN A 97 9.25 11.09 -4.22
CA ASN A 97 8.84 10.37 -5.42
C ASN A 97 8.65 11.30 -6.60
N GLU A 98 8.81 10.74 -7.79
CA GLU A 98 8.66 11.47 -9.04
C GLU A 98 7.19 11.72 -9.38
N PRO A 99 6.90 12.84 -10.06
CA PRO A 99 5.52 13.17 -10.48
C PRO A 99 4.88 12.10 -11.33
N GLU A 100 5.69 11.32 -12.04
CA GLU A 100 5.20 10.20 -12.86
C GLU A 100 4.84 8.94 -12.04
N SER A 101 5.15 8.95 -10.76
CA SER A 101 4.95 7.77 -9.92
C SER A 101 3.51 7.69 -9.38
N LEU A 102 3.04 6.46 -9.26
CA LEU A 102 1.75 6.18 -8.64
C LEU A 102 1.63 6.75 -7.24
N ILE A 103 2.66 6.58 -6.39
CA ILE A 103 2.58 7.07 -5.03
C ILE A 103 2.34 8.58 -5.04
N TYR A 104 3.07 9.28 -5.90
CA TYR A 104 2.92 10.75 -5.98
C TYR A 104 1.49 11.13 -6.41
N LYS A 105 0.94 10.43 -7.39
CA LYS A 105 -0.36 10.74 -7.90
C LYS A 105 -1.42 10.44 -6.84
N ASP A 106 -1.25 9.35 -6.10
CA ASP A 106 -2.18 8.96 -5.00
C ASP A 106 -2.14 9.97 -3.85
N ALA A 107 -0.94 10.50 -3.59
CA ALA A 107 -0.78 11.56 -2.58
C ALA A 107 -1.56 12.83 -2.93
N LEU A 108 -1.62 13.21 -4.23
CA LEU A 108 -2.36 14.37 -4.66
C LEU A 108 -3.85 14.15 -4.48
N VAL A 109 -4.31 12.94 -4.79
CA VAL A 109 -5.73 12.62 -4.66
C VAL A 109 -6.17 12.57 -3.18
N LEU A 110 -5.42 11.86 -2.34
CA LEU A 110 -5.77 11.76 -0.94
C LEU A 110 -5.63 13.13 -0.22
N HIS A 111 -4.70 13.95 -0.64
CA HIS A 111 -4.61 15.32 -0.11
C HIS A 111 -5.91 16.07 -0.39
N LYS A 112 -6.44 15.92 -1.60
CA LYS A 112 -7.71 16.52 -1.95
C LYS A 112 -8.84 15.92 -1.12
N VAL A 113 -8.87 14.59 -0.95
CA VAL A 113 -9.93 13.93 -0.14
C VAL A 113 -9.90 14.49 1.30
N LEU A 114 -8.69 14.69 1.78
CA LEU A 114 -8.44 15.18 3.16
C LEU A 114 -9.05 16.56 3.36
N LEU A 115 -8.72 17.47 2.45
CA LEU A 115 -9.18 18.86 2.57
C LEU A 115 -10.71 19.02 2.35
N GLU A 116 -11.24 18.25 1.40
CA GLU A 116 -12.68 18.18 1.19
C GLU A 116 -13.42 17.62 2.41
N THR A 117 -12.87 16.56 3.00
CA THR A 117 -13.48 15.99 4.19
C THR A 117 -13.52 17.03 5.33
N ARG A 118 -12.43 17.76 5.54
CA ARG A 118 -12.41 18.78 6.61
C ARG A 118 -13.42 19.85 6.31
N ARG A 119 -13.46 20.26 5.04
CA ARG A 119 -14.37 21.27 4.61
C ARG A 119 -15.83 20.86 4.92
N ASP A 120 -16.17 19.60 4.64
CA ASP A 120 -17.54 19.10 4.82
C ASP A 120 -17.90 18.78 6.28
N LEU A 121 -16.91 18.65 7.16
CA LEU A 121 -17.17 18.68 8.61
C LEU A 121 -17.18 20.14 9.09
N LYS B 11 -20.15 -14.91 -12.27
CA LYS B 11 -20.97 -14.20 -11.23
C LYS B 11 -20.56 -14.63 -9.80
N TYR B 12 -20.57 -15.94 -9.57
CA TYR B 12 -20.18 -16.57 -8.30
C TYR B 12 -18.85 -17.26 -8.44
N MET B 13 -18.26 -17.71 -7.34
CA MET B 13 -16.95 -18.31 -7.35
C MET B 13 -17.01 -19.83 -7.35
N THR B 14 -16.24 -20.45 -8.25
CA THR B 14 -16.00 -21.87 -8.16
C THR B 14 -15.14 -22.23 -6.93
N PRO B 15 -15.09 -23.51 -6.57
CA PRO B 15 -14.21 -23.96 -5.51
C PRO B 15 -12.72 -23.65 -5.84
N MET B 16 -12.28 -23.85 -7.07
CA MET B 16 -10.92 -23.46 -7.43
C MET B 16 -10.69 -21.96 -7.19
N GLN B 17 -11.63 -21.12 -7.67
CA GLN B 17 -11.51 -19.68 -7.48
C GLN B 17 -11.39 -19.31 -6.00
N GLN B 18 -12.19 -19.95 -5.15
CA GLN B 18 -12.10 -19.74 -3.72
C GLN B 18 -10.70 -20.11 -3.14
N LYS B 19 -10.16 -21.24 -3.56
CA LYS B 19 -8.81 -21.65 -3.17
C LYS B 19 -7.77 -20.61 -3.64
N LEU B 20 -7.82 -20.22 -4.90
CA LEU B 20 -6.92 -19.21 -5.45
C LEU B 20 -7.05 -17.89 -4.66
N ASN B 21 -8.28 -17.50 -4.37
CA ASN B 21 -8.52 -16.22 -3.69
C ASN B 21 -7.94 -16.23 -2.28
N GLU B 22 -8.04 -17.37 -1.60
CA GLU B 22 -7.43 -17.51 -0.29
C GLU B 22 -5.89 -17.26 -0.36
N VAL B 23 -5.22 -17.84 -1.36
CA VAL B 23 -3.78 -17.58 -1.61
C VAL B 23 -3.54 -16.10 -1.98
N TYR B 24 -4.33 -15.56 -2.91
CA TYR B 24 -4.17 -14.16 -3.31
C TYR B 24 -4.24 -13.23 -2.11
N GLU B 25 -5.28 -13.43 -1.29
CA GLU B 25 -5.54 -12.57 -0.16
C GLU B 25 -4.42 -12.65 0.88
N ALA B 26 -3.90 -13.84 1.11
CA ALA B 26 -2.76 -14.03 2.04
C ALA B 26 -1.57 -13.15 1.65
N VAL B 27 -1.23 -13.18 0.37
CA VAL B 27 -0.17 -12.31 -0.19
C VAL B 27 -0.56 -10.84 -0.07
N LYS B 28 -1.77 -10.47 -0.51
CA LYS B 28 -2.22 -9.08 -0.45
C LYS B 28 -2.17 -8.52 0.99
N ASN B 29 -2.56 -9.33 1.97
CA ASN B 29 -2.72 -8.85 3.32
C ASN B 29 -1.52 -9.06 4.25
N TYR B 30 -0.44 -9.61 3.72
CA TYR B 30 0.75 -9.88 4.52
C TYR B 30 1.31 -8.55 5.08
N THR B 31 1.49 -8.52 6.39
CA THR B 31 2.18 -7.43 7.04
C THR B 31 3.43 -7.97 7.75
N ASP B 32 4.51 -7.19 7.66
CA ASP B 32 5.71 -7.50 8.40
C ASP B 32 5.54 -7.14 9.91
N LYS B 33 6.60 -7.34 10.69
CA LYS B 33 6.54 -7.13 12.14
C LYS B 33 6.29 -5.66 12.52
N ARG B 34 6.53 -4.72 11.59
CA ARG B 34 6.22 -3.31 11.81
C ARG B 34 4.80 -2.94 11.36
N GLY B 35 4.05 -3.88 10.79
CA GLY B 35 2.69 -3.63 10.28
C GLY B 35 2.65 -3.05 8.88
N ARG B 36 3.75 -3.19 8.12
CA ARG B 36 3.83 -2.59 6.81
C ARG B 36 3.19 -3.59 5.86
N ARG B 37 2.35 -3.07 4.96
CA ARG B 37 1.68 -3.85 3.89
C ARG B 37 2.63 -4.02 2.71
N LEU B 38 3.41 -5.10 2.66
CA LEU B 38 4.41 -5.23 1.58
C LEU B 38 3.78 -5.28 0.15
N SER B 39 2.54 -5.74 0.03
CA SER B 39 1.90 -5.86 -1.29
C SER B 39 1.60 -4.52 -1.90
N ALA B 40 1.66 -3.44 -1.10
CA ALA B 40 1.07 -2.22 -1.57
C ALA B 40 1.62 -1.75 -2.90
N ILE B 41 2.93 -1.92 -3.11
CA ILE B 41 3.56 -1.40 -4.33
C ILE B 41 3.30 -2.34 -5.53
N PHE B 42 2.88 -3.58 -5.27
CA PHE B 42 2.71 -4.56 -6.34
C PHE B 42 1.31 -4.58 -6.94
N LEU B 43 0.39 -3.77 -6.42
CA LEU B 43 -0.99 -3.86 -6.87
C LEU B 43 -1.14 -3.36 -8.29
N ARG B 44 -0.42 -2.28 -8.63
CA ARG B 44 -0.50 -1.67 -9.95
C ARG B 44 0.91 -1.29 -10.41
N LEU B 45 1.36 -1.93 -11.47
CA LEU B 45 2.72 -1.75 -12.01
C LEU B 45 2.69 -1.35 -13.47
N PRO B 46 3.73 -0.61 -13.93
CA PRO B 46 4.88 -0.18 -13.11
C PRO B 46 4.52 0.96 -12.16
N SER B 47 5.34 1.15 -11.13
CA SER B 47 5.11 2.19 -10.16
C SER B 47 5.35 3.60 -10.75
N ARG B 48 6.24 3.70 -11.74
CA ARG B 48 6.58 4.95 -12.37
C ARG B 48 6.12 4.82 -13.82
N SER B 49 5.26 5.73 -14.24
CA SER B 49 4.79 5.74 -15.61
C SER B 49 5.78 6.38 -16.58
N GLU B 50 5.77 5.87 -17.81
CA GLU B 50 6.35 6.60 -18.92
C GLU B 50 7.87 6.58 -18.90
N LEU B 51 8.44 5.50 -18.36
CA LEU B 51 9.86 5.25 -18.49
C LEU B 51 10.17 5.04 -19.98
N PRO B 52 11.29 5.56 -20.45
CA PRO B 52 11.53 5.54 -21.89
C PRO B 52 11.81 4.13 -22.47
N ASP B 53 12.12 3.18 -21.61
CA ASP B 53 12.52 1.83 -22.02
C ASP B 53 11.69 0.73 -21.39
N TYR B 54 10.49 1.07 -20.92
CA TYR B 54 9.76 0.11 -20.12
C TYR B 54 9.44 -1.17 -20.93
N TYR B 55 8.93 -1.00 -22.15
CA TYR B 55 8.57 -2.17 -22.98
C TYR B 55 9.76 -2.91 -23.57
N LEU B 56 10.91 -2.26 -23.61
CA LEU B 56 12.18 -2.88 -23.95
C LEU B 56 12.68 -3.76 -22.81
N THR B 57 12.23 -3.49 -21.58
CA THR B 57 12.81 -4.09 -20.38
C THR B 57 11.92 -5.20 -19.80
N ILE B 58 10.62 -4.95 -19.80
CA ILE B 58 9.61 -5.83 -19.19
C ILE B 58 8.80 -6.48 -20.31
N LYS B 59 8.99 -7.79 -20.44
CA LYS B 59 8.44 -8.53 -21.53
C LYS B 59 6.91 -8.65 -21.42
N LYS B 60 6.44 -9.03 -20.25
CA LYS B 60 5.01 -9.21 -19.96
C LYS B 60 4.65 -8.52 -18.63
N PRO B 61 4.16 -7.28 -18.68
CA PRO B 61 3.80 -6.57 -17.47
C PRO B 61 2.73 -7.36 -16.69
N MET B 62 2.87 -7.39 -15.37
CA MET B 62 1.97 -8.17 -14.50
C MET B 62 1.94 -7.52 -13.14
N ASP B 63 0.76 -7.50 -12.50
CA ASP B 63 0.64 -6.90 -11.19
C ASP B 63 -0.56 -7.60 -10.50
N MET B 64 -0.78 -7.27 -9.25
CA MET B 64 -1.79 -7.99 -8.47
C MET B 64 -3.19 -7.65 -8.90
N GLU B 65 -3.43 -6.44 -9.42
CA GLU B 65 -4.75 -6.15 -9.97
C GLU B 65 -5.06 -7.10 -11.15
N LYS B 66 -4.08 -7.30 -11.99
CA LYS B 66 -4.26 -8.14 -13.18
C LYS B 66 -4.47 -9.58 -12.79
N ILE B 67 -3.71 -10.04 -11.78
CA ILE B 67 -3.79 -11.42 -11.29
C ILE B 67 -5.20 -11.62 -10.72
N ARG B 68 -5.67 -10.65 -9.93
CA ARG B 68 -7.01 -10.81 -9.38
C ARG B 68 -8.12 -10.85 -10.48
N SER B 69 -8.01 -9.99 -11.47
CA SER B 69 -8.95 -9.94 -12.59
C SER B 69 -8.99 -11.28 -13.34
N HIS B 70 -7.79 -11.82 -13.62
CA HIS B 70 -7.62 -13.16 -14.23
C HIS B 70 -8.28 -14.24 -13.36
N MET B 71 -8.00 -14.23 -12.04
CA MET B 71 -8.59 -15.18 -11.15
C MET B 71 -10.12 -15.11 -11.15
N MET B 72 -10.65 -13.88 -11.10
CA MET B 72 -12.10 -13.67 -11.00
C MET B 72 -12.82 -13.96 -12.31
N ALA B 73 -12.09 -13.84 -13.43
CA ALA B 73 -12.59 -14.30 -14.73
C ALA B 73 -12.49 -15.83 -14.97
N ASN B 74 -12.08 -16.60 -13.96
CA ASN B 74 -11.94 -18.07 -14.07
C ASN B 74 -10.94 -18.48 -15.12
N LYS B 75 -9.85 -17.75 -15.21
CA LYS B 75 -8.86 -18.02 -16.23
C LYS B 75 -7.63 -18.79 -15.72
N TYR B 76 -7.48 -18.98 -14.40
CA TYR B 76 -6.47 -19.89 -13.83
C TYR B 76 -7.00 -21.30 -13.63
N GLN B 77 -6.31 -22.27 -14.21
CA GLN B 77 -6.76 -23.65 -14.13
C GLN B 77 -6.38 -24.28 -12.81
N ASP B 78 -5.32 -23.78 -12.18
CA ASP B 78 -4.90 -24.28 -10.87
C ASP B 78 -4.04 -23.29 -10.13
N ILE B 79 -3.64 -23.65 -8.90
CA ILE B 79 -2.86 -22.71 -8.08
C ILE B 79 -1.49 -22.44 -8.72
N ASP B 80 -0.91 -23.45 -9.35
CA ASP B 80 0.36 -23.27 -10.05
C ASP B 80 0.33 -22.20 -11.12
N SER B 81 -0.77 -22.14 -11.88
CA SER B 81 -0.89 -21.16 -12.95
C SER B 81 -0.87 -19.74 -12.38
N MET B 82 -1.56 -19.53 -11.26
CA MET B 82 -1.54 -18.25 -10.57
C MET B 82 -0.15 -17.91 -10.02
N VAL B 83 0.48 -18.89 -9.39
CA VAL B 83 1.83 -18.72 -8.83
C VAL B 83 2.78 -18.29 -9.94
N GLU B 84 2.64 -18.87 -11.14
CA GLU B 84 3.50 -18.45 -12.27
C GLU B 84 3.37 -16.95 -12.56
N ASP B 85 2.16 -16.41 -12.54
CA ASP B 85 1.99 -14.96 -12.72
C ASP B 85 2.54 -14.11 -11.56
N PHE B 86 2.39 -14.55 -10.33
CA PHE B 86 3.06 -13.89 -9.19
C PHE B 86 4.60 -13.87 -9.40
N VAL B 87 5.17 -15.03 -9.73
CA VAL B 87 6.61 -15.14 -9.99
C VAL B 87 7.08 -14.22 -11.09
N MET B 88 6.29 -14.08 -12.17
CA MET B 88 6.67 -13.20 -13.25
C MET B 88 6.62 -11.71 -12.79
N MET B 89 5.57 -11.40 -12.04
CA MET B 89 5.44 -10.10 -11.39
C MET B 89 6.64 -9.75 -10.53
N PHE B 90 7.01 -10.65 -9.63
CA PHE B 90 8.12 -10.41 -8.73
C PHE B 90 9.43 -10.23 -9.53
N ASN B 91 9.67 -11.07 -10.53
CA ASN B 91 10.81 -10.86 -11.43
C ASN B 91 10.76 -9.51 -12.15
N ASN B 92 9.60 -9.13 -12.66
CA ASN B 92 9.44 -7.83 -13.34
C ASN B 92 9.84 -6.67 -12.39
N ALA B 93 9.32 -6.74 -11.17
CA ALA B 93 9.64 -5.73 -10.13
C ALA B 93 11.13 -5.66 -9.78
N CYS B 94 11.83 -6.78 -9.91
CA CYS B 94 13.23 -6.83 -9.60
C CYS B 94 14.12 -6.44 -10.76
N THR B 95 13.54 -6.26 -11.95
CA THR B 95 14.31 -6.02 -13.15
C THR B 95 14.93 -4.60 -13.16
N TYR B 96 14.21 -3.54 -12.77
CA TYR B 96 14.83 -2.19 -12.71
C TYR B 96 15.59 -1.96 -11.39
N ASN B 97 15.29 -2.76 -10.38
CA ASN B 97 15.79 -2.51 -9.05
C ASN B 97 16.98 -3.38 -8.70
N GLU B 98 17.82 -2.87 -7.82
CA GLU B 98 19.02 -3.57 -7.33
C GLU B 98 18.64 -4.57 -6.26
N PRO B 99 19.40 -5.67 -6.15
CA PRO B 99 19.15 -6.67 -5.12
C PRO B 99 19.06 -6.09 -3.70
N GLU B 100 19.79 -5.00 -3.47
CA GLU B 100 19.77 -4.30 -2.18
C GLU B 100 18.55 -3.42 -1.95
N SER B 101 17.79 -3.09 -3.00
CA SER B 101 16.68 -2.16 -2.84
C SER B 101 15.54 -2.81 -2.06
N LEU B 102 14.76 -1.99 -1.37
CA LEU B 102 13.59 -2.48 -0.64
C LEU B 102 12.57 -3.22 -1.52
N ILE B 103 12.22 -2.67 -2.68
CA ILE B 103 11.24 -3.34 -3.53
C ILE B 103 11.68 -4.75 -3.87
N TYR B 104 12.97 -4.92 -4.19
CA TYR B 104 13.53 -6.24 -4.50
C TYR B 104 13.46 -7.21 -3.31
N LYS B 105 13.84 -6.71 -2.14
CA LYS B 105 13.78 -7.49 -0.94
C LYS B 105 12.33 -7.84 -0.57
N ASP B 106 11.41 -6.91 -0.69
CA ASP B 106 9.95 -7.15 -0.44
C ASP B 106 9.37 -8.22 -1.41
N ALA B 107 9.80 -8.17 -2.65
CA ALA B 107 9.45 -9.22 -3.63
C ALA B 107 9.85 -10.62 -3.20
N LEU B 108 11.04 -10.76 -2.62
CA LEU B 108 11.55 -12.02 -2.18
C LEU B 108 10.78 -12.50 -0.95
N VAL B 109 10.49 -11.59 -0.02
CA VAL B 109 9.64 -11.91 1.10
C VAL B 109 8.24 -12.38 0.71
N LEU B 110 7.57 -11.62 -0.15
CA LEU B 110 6.21 -11.97 -0.53
C LEU B 110 6.17 -13.25 -1.37
N HIS B 111 7.23 -13.50 -2.14
CA HIS B 111 7.35 -14.80 -2.82
C HIS B 111 7.37 -15.92 -1.81
N LYS B 112 8.12 -15.78 -0.72
CA LYS B 112 8.13 -16.82 0.31
C LYS B 112 6.76 -16.97 0.95
N VAL B 113 6.09 -15.85 1.22
CA VAL B 113 4.72 -15.86 1.75
C VAL B 113 3.79 -16.64 0.81
N LEU B 114 3.93 -16.40 -0.49
CA LEU B 114 3.13 -17.11 -1.51
C LEU B 114 3.34 -18.63 -1.46
N LEU B 115 4.59 -19.07 -1.41
CA LEU B 115 4.88 -20.51 -1.40
C LEU B 115 4.50 -21.21 -0.08
N GLU B 116 4.64 -20.50 1.04
CA GLU B 116 4.25 -21.03 2.36
C GLU B 116 2.75 -21.19 2.40
N THR B 117 2.05 -20.24 1.79
CA THR B 117 0.60 -20.29 1.73
C THR B 117 0.09 -21.44 0.87
N ARG B 118 0.67 -21.63 -0.31
CA ARG B 118 0.28 -22.78 -1.14
C ARG B 118 0.54 -24.10 -0.43
N ARG B 119 1.65 -24.19 0.32
CA ARG B 119 1.96 -25.41 1.11
C ARG B 119 0.95 -25.62 2.25
N ASP B 120 0.52 -24.56 2.92
CA ASP B 120 -0.48 -24.68 4.01
C ASP B 120 -1.86 -25.13 3.50
N LEU B 121 -2.13 -24.89 2.22
CA LEU B 121 -3.29 -25.48 1.54
C LEU B 121 -2.81 -26.70 0.73
#